data_5L74
#
_entry.id   5L74
#
_cell.length_a   107.710
_cell.length_b   44.560
_cell.length_c   33.010
_cell.angle_alpha   90.00
_cell.angle_beta   104.70
_cell.angle_gamma   90.00
#
_symmetry.space_group_name_H-M   'C 1 2 1'
#
loop_
_entity.id
_entity.type
_entity.pdbx_description
1 polymer Plexin-A2
2 non-polymer 2-acetamido-2-deoxy-beta-D-glucopyranose
3 non-polymer 'SODIUM ION'
4 non-polymer 'CHLORIDE ION'
5 water water
#
_entity_poly.entity_id   1
_entity_poly.type   'polypeptide(L)'
_entity_poly.pdbx_seq_one_letter_code
;TGNCSAHQLCLSCVNSAFRCHWCKYRNLCTHDPTTCSFQEGRINVSEDCPQLVPTEEILIPVGEVKPITLKARNLPQPQS
GQRGYECVLSIQGAVHRVPALRFNSSSVQCQNSSYQYDGMDISNLAVDFAVVWNGNFIIDNPQDLKVHLYK
;
_entity_poly.pdbx_strand_id   A
#
loop_
_chem_comp.id
_chem_comp.type
_chem_comp.name
_chem_comp.formula
CL non-polymer 'CHLORIDE ION' 'Cl -1'
NA non-polymer 'SODIUM ION' 'Na 1'
NAG D-saccharide, beta linking 2-acetamido-2-deoxy-beta-D-glucopyranose 'C8 H15 N O6'
#
# COMPACT_ATOMS: atom_id res chain seq x y z
N THR A 1 11.34 -8.46 24.86
CA THR A 1 10.55 -7.28 25.24
C THR A 1 10.98 -5.99 24.51
N GLY A 2 10.00 -5.18 24.13
CA GLY A 2 10.30 -3.90 23.51
C GLY A 2 8.99 -3.19 23.19
N ASN A 3 9.13 -2.00 22.63
CA ASN A 3 7.94 -1.20 22.30
C ASN A 3 7.36 -1.71 20.99
N CYS A 4 6.20 -2.37 21.07
CA CYS A 4 5.50 -2.75 19.85
C CYS A 4 5.23 -1.54 19.01
N SER A 5 5.06 -0.36 19.62
CA SER A 5 4.68 0.82 18.86
C SER A 5 5.74 1.21 17.84
N ALA A 6 6.99 0.73 17.99
CA ALA A 6 8.00 1.10 17.02
C ALA A 6 7.82 0.46 15.65
N HIS A 7 7.01 -0.61 15.54
CA HIS A 7 6.74 -1.22 14.24
C HIS A 7 5.80 -0.33 13.45
N GLN A 8 6.21 0.04 12.22
CA GLN A 8 5.49 1.04 11.42
CA GLN A 8 5.41 1.04 11.51
C GLN A 8 4.47 0.44 10.47
N LEU A 9 4.56 -0.86 10.21
CA LEU A 9 3.61 -1.50 9.30
C LEU A 9 3.25 -2.90 9.87
N CYS A 10 2.12 -3.40 9.39
CA CYS A 10 1.52 -4.63 9.93
C CYS A 10 2.47 -5.83 9.90
N LEU A 11 3.17 -6.06 8.78
CA LEU A 11 3.96 -7.29 8.68
C LEU A 11 5.08 -7.34 9.73
N SER A 12 5.84 -6.23 9.87
CA SER A 12 6.86 -6.11 10.92
C SER A 12 6.22 -6.31 12.29
N CYS A 13 5.07 -5.66 12.50
CA CYS A 13 4.40 -5.73 13.79
C CYS A 13 4.09 -7.17 14.20
N VAL A 14 3.35 -7.91 13.37
CA VAL A 14 2.85 -9.22 13.80
C VAL A 14 3.97 -10.25 13.83
N ASN A 15 5.04 -10.00 13.12
CA ASN A 15 6.19 -10.87 13.16
C ASN A 15 7.16 -10.52 14.28
N SER A 16 6.84 -9.52 15.10
CA SER A 16 7.73 -9.10 16.17
C SER A 16 7.93 -10.23 17.14
N ALA A 17 9.16 -10.34 17.66
CA ALA A 17 9.38 -11.19 18.82
C ALA A 17 8.71 -10.61 20.06
N PHE A 18 8.44 -9.30 20.09
CA PHE A 18 7.82 -8.63 21.24
C PHE A 18 6.38 -9.09 21.50
N ARG A 19 5.78 -9.91 20.63
CA ARG A 19 4.39 -10.33 20.77
C ARG A 19 3.44 -9.14 20.61
N CYS A 20 3.16 -8.78 19.38
CA CYS A 20 2.46 -7.54 19.08
C CYS A 20 1.27 -7.85 18.17
N HIS A 21 0.34 -6.92 18.17
CA HIS A 21 -0.84 -6.98 17.32
C HIS A 21 -0.93 -5.68 16.53
N TRP A 22 -1.44 -5.78 15.30
CA TRP A 22 -1.61 -4.64 14.43
C TRP A 22 -3.06 -4.19 14.47
N CYS A 23 -3.27 -2.88 14.62
CA CYS A 23 -4.60 -2.27 14.61
C CYS A 23 -4.79 -1.66 13.24
N LYS A 24 -5.59 -2.34 12.41
CA LYS A 24 -5.66 -1.95 11.01
C LYS A 24 -6.35 -0.62 10.78
N TYR A 25 -7.32 -0.21 11.62
CA TYR A 25 -7.96 1.08 11.37
C TYR A 25 -7.28 2.23 12.04
N ARG A 26 -6.55 1.97 13.10
CA ARG A 26 -5.73 2.99 13.74
C ARG A 26 -4.35 3.08 13.15
N ASN A 27 -3.93 2.07 12.37
CA ASN A 27 -2.62 2.02 11.74
C ASN A 27 -1.50 2.05 12.76
N LEU A 28 -1.57 1.16 13.74
CA LEU A 28 -0.48 1.15 14.73
C LEU A 28 -0.29 -0.25 15.29
N CYS A 29 0.88 -0.47 15.87
CA CYS A 29 1.28 -1.73 16.47
C CYS A 29 1.23 -1.60 17.98
N THR A 30 0.68 -2.61 18.66
CA THR A 30 0.46 -2.53 20.09
C THR A 30 0.69 -3.88 20.76
N HIS A 31 1.10 -3.82 22.01
CA HIS A 31 1.10 -5.02 22.84
C HIS A 31 -0.28 -5.36 23.40
N ASP A 32 -1.19 -4.40 23.42
CA ASP A 32 -2.52 -4.55 24.03
C ASP A 32 -3.57 -4.44 22.95
N PRO A 33 -4.15 -5.55 22.50
CA PRO A 33 -5.15 -5.48 21.43
C PRO A 33 -6.38 -4.64 21.77
N THR A 34 -6.61 -4.34 23.05
CA THR A 34 -7.73 -3.45 23.37
C THR A 34 -7.47 -2.01 22.93
N THR A 35 -6.24 -1.67 22.53
CA THR A 35 -6.06 -0.33 22.00
C THR A 35 -6.50 -0.23 20.56
N CYS A 36 -6.76 -1.35 19.88
CA CYS A 36 -7.35 -1.22 18.55
C CYS A 36 -8.80 -0.73 18.69
N SER A 37 -9.37 -0.26 17.57
CA SER A 37 -10.69 0.37 17.62
C SER A 37 -11.77 -0.63 18.00
N PHE A 38 -11.73 -1.81 17.41
CA PHE A 38 -12.69 -2.87 17.72
C PHE A 38 -12.04 -4.18 17.34
N GLN A 39 -12.72 -5.27 17.68
CA GLN A 39 -12.11 -6.59 17.57
C GLN A 39 -11.65 -6.91 16.15
N GLU A 40 -12.47 -6.59 15.14
CA GLU A 40 -12.12 -6.95 13.79
C GLU A 40 -10.93 -6.15 13.26
N GLY A 41 -10.56 -5.06 13.91
CA GLY A 41 -9.36 -4.37 13.50
C GLY A 41 -8.05 -5.00 13.94
N ARG A 42 -8.10 -6.01 14.83
CA ARG A 42 -6.91 -6.65 15.42
C ARG A 42 -6.35 -7.69 14.46
N ILE A 43 -5.11 -7.52 14.05
CA ILE A 43 -4.42 -8.49 13.20
C ILE A 43 -3.30 -9.12 14.01
N ASN A 44 -3.21 -10.44 13.98
CA ASN A 44 -2.26 -11.16 14.80
C ASN A 44 -1.26 -11.98 14.00
N VAL A 45 -1.55 -12.29 12.73
CA VAL A 45 -0.67 -13.11 11.93
C VAL A 45 -0.52 -12.49 10.55
N SER A 46 0.63 -12.78 9.93
CA SER A 46 1.03 -12.07 8.73
C SER A 46 0.04 -12.25 7.57
N GLU A 47 -0.60 -13.41 7.48
CA GLU A 47 -1.51 -13.68 6.38
C GLU A 47 -2.72 -12.76 6.39
N ASP A 48 -3.05 -12.18 7.56
CA ASP A 48 -4.19 -11.29 7.72
C ASP A 48 -3.81 -9.83 7.54
N CYS A 49 -2.52 -9.51 7.38
CA CYS A 49 -2.16 -8.13 7.19
C CYS A 49 -2.63 -7.65 5.82
N PRO A 50 -3.08 -6.39 5.70
CA PRO A 50 -3.24 -5.76 4.39
C PRO A 50 -1.92 -5.79 3.63
N GLN A 51 -1.95 -6.20 2.38
CA GLN A 51 -0.68 -6.32 1.64
C GLN A 51 -0.97 -6.45 0.15
N LEU A 52 -0.07 -5.91 -0.64
CA LEU A 52 -0.04 -6.22 -2.07
C LEU A 52 0.55 -7.61 -2.30
N VAL A 53 0.01 -8.33 -3.26
CA VAL A 53 0.51 -9.69 -3.46
C VAL A 53 1.29 -9.80 -4.76
N PRO A 54 2.06 -10.87 -4.94
CA PRO A 54 2.92 -10.96 -6.13
C PRO A 54 2.10 -10.82 -7.40
N THR A 55 2.64 -10.07 -8.36
CA THR A 55 2.01 -10.00 -9.65
C THR A 55 3.07 -9.76 -10.72
N GLU A 56 2.74 -10.14 -11.95
CA GLU A 56 3.59 -9.90 -13.10
C GLU A 56 3.81 -8.41 -13.33
N GLU A 57 4.77 -8.11 -14.20
CA GLU A 57 5.25 -6.76 -14.39
C GLU A 57 4.11 -5.82 -14.72
N ILE A 58 4.04 -4.74 -13.96
CA ILE A 58 2.99 -3.75 -14.08
C ILE A 58 3.49 -2.76 -15.12
N LEU A 59 2.97 -2.81 -16.34
CA LEU A 59 3.50 -2.08 -17.47
C LEU A 59 2.50 -1.02 -17.91
N ILE A 60 2.91 0.25 -17.87
CA ILE A 60 2.06 1.38 -18.20
C ILE A 60 2.78 2.17 -19.29
N PRO A 61 2.17 2.36 -20.48
CA PRO A 61 2.82 3.18 -21.51
C PRO A 61 2.79 4.67 -21.14
N VAL A 62 3.89 5.38 -21.40
CA VAL A 62 3.94 6.82 -21.15
C VAL A 62 2.95 7.55 -22.04
N GLY A 63 2.40 8.65 -21.53
CA GLY A 63 1.65 9.58 -22.35
C GLY A 63 0.26 9.11 -22.71
N GLU A 64 -0.25 8.09 -22.04
CA GLU A 64 -1.60 7.58 -22.24
C GLU A 64 -2.33 7.51 -20.91
N VAL A 65 -3.59 7.96 -20.91
CA VAL A 65 -4.41 7.89 -19.71
C VAL A 65 -4.74 6.43 -19.40
N LYS A 66 -4.30 5.94 -18.23
CA LYS A 66 -4.45 4.54 -17.87
C LYS A 66 -4.69 4.42 -16.37
N PRO A 67 -5.43 3.40 -15.95
CA PRO A 67 -5.49 3.04 -14.52
C PRO A 67 -4.34 2.08 -14.23
N ILE A 68 -4.12 1.82 -12.95
CA ILE A 68 -3.15 0.80 -12.49
C ILE A 68 -3.87 -0.13 -11.53
N THR A 69 -4.13 -1.36 -11.95
CA THR A 69 -4.93 -2.29 -11.15
C THR A 69 -4.00 -3.24 -10.40
N LEU A 70 -4.10 -3.23 -9.08
CA LEU A 70 -3.21 -3.96 -8.19
C LEU A 70 -3.96 -5.03 -7.43
N LYS A 71 -3.35 -6.22 -7.36
CA LYS A 71 -3.87 -7.32 -6.54
C LYS A 71 -3.37 -7.20 -5.11
N ALA A 72 -4.26 -7.52 -4.16
CA ALA A 72 -3.93 -7.34 -2.76
C ALA A 72 -4.68 -8.38 -1.94
N ARG A 73 -4.43 -8.37 -0.63
CA ARG A 73 -5.28 -9.07 0.33
C ARG A 73 -5.52 -8.18 1.52
N ASN A 74 -6.70 -8.33 2.10
CA ASN A 74 -7.07 -7.74 3.38
C ASN A 74 -7.09 -6.22 3.36
N LEU A 75 -7.37 -5.59 2.24
CA LEU A 75 -7.38 -4.10 2.25
C LEU A 75 -8.51 -3.59 3.13
N PRO A 76 -8.24 -2.73 4.11
CA PRO A 76 -9.34 -2.27 5.01
C PRO A 76 -10.33 -1.33 4.32
N GLN A 77 -11.60 -1.44 4.74
CA GLN A 77 -12.59 -0.44 4.40
C GLN A 77 -12.45 0.74 5.34
N PRO A 78 -12.28 1.94 4.84
CA PRO A 78 -12.16 3.10 5.73
C PRO A 78 -13.39 3.30 6.61
N GLN A 79 -13.15 3.68 7.87
CA GLN A 79 -14.22 4.04 8.81
C GLN A 79 -14.69 5.47 8.54
N SER A 80 -15.79 5.86 9.19
CA SER A 80 -16.38 7.20 9.03
C SER A 80 -15.35 8.31 9.11
N GLY A 81 -15.30 9.13 8.08
CA GLY A 81 -14.42 10.27 8.12
C GLY A 81 -13.00 9.99 7.69
N GLN A 82 -12.58 8.71 7.64
CA GLN A 82 -11.25 8.37 7.15
C GLN A 82 -11.24 8.51 5.64
N ARG A 83 -10.14 9.02 5.10
CA ARG A 83 -10.07 9.21 3.67
C ARG A 83 -9.77 7.88 2.98
N GLY A 84 -10.11 7.80 1.71
CA GLY A 84 -9.87 6.60 0.93
C GLY A 84 -8.45 6.46 0.42
N TYR A 85 -8.35 5.71 -0.68
CA TYR A 85 -7.08 5.20 -1.19
C TYR A 85 -6.46 6.13 -2.22
N GLU A 86 -5.11 6.15 -2.23
CA GLU A 86 -4.34 6.83 -3.25
C GLU A 86 -3.13 5.98 -3.63
N CYS A 87 -2.62 6.22 -4.83
CA CYS A 87 -1.32 5.72 -5.23
C CYS A 87 -0.33 6.87 -5.16
N VAL A 88 0.84 6.63 -4.58
CA VAL A 88 1.87 7.63 -4.42
C VAL A 88 3.09 7.09 -5.14
N LEU A 89 3.47 7.74 -6.25
CA LEU A 89 4.61 7.30 -7.04
C LEU A 89 5.76 8.28 -6.95
N SER A 90 6.97 7.75 -6.88
CA SER A 90 8.16 8.59 -6.95
C SER A 90 8.75 8.36 -8.32
N ILE A 91 8.64 9.35 -9.19
CA ILE A 91 9.15 9.24 -10.55
C ILE A 91 10.35 10.15 -10.68
N GLN A 92 11.54 9.56 -10.71
CA GLN A 92 12.76 10.32 -10.88
C GLN A 92 12.87 11.43 -9.84
N GLY A 93 12.50 11.09 -8.59
CA GLY A 93 12.66 12.01 -7.49
C GLY A 93 11.47 12.90 -7.21
N ALA A 94 10.42 12.89 -8.04
CA ALA A 94 9.26 13.73 -7.80
C ALA A 94 8.09 12.86 -7.40
N VAL A 95 7.34 13.30 -6.38
CA VAL A 95 6.21 12.54 -5.87
C VAL A 95 4.95 12.92 -6.61
N HIS A 96 4.18 11.93 -7.05
CA HIS A 96 2.90 12.12 -7.69
C HIS A 96 1.85 11.33 -6.91
N ARG A 97 0.74 11.97 -6.56
CA ARG A 97 -0.34 11.31 -5.87
C ARG A 97 -1.51 11.21 -6.84
N VAL A 98 -2.07 10.01 -6.96
CA VAL A 98 -3.12 9.67 -7.91
C VAL A 98 -4.28 9.11 -7.08
N PRO A 99 -5.51 9.56 -7.29
CA PRO A 99 -6.61 8.97 -6.53
C PRO A 99 -6.76 7.49 -6.87
N ALA A 100 -7.17 6.67 -5.89
CA ALA A 100 -7.37 5.22 -6.11
C ALA A 100 -8.72 4.78 -5.57
N LEU A 101 -9.14 3.58 -5.99
CA LEU A 101 -10.39 3.00 -5.51
C LEU A 101 -10.14 1.59 -5.02
N ARG A 102 -10.61 1.29 -3.83
CA ARG A 102 -10.67 -0.08 -3.31
C ARG A 102 -11.90 -0.73 -3.90
N PHE A 103 -11.72 -1.71 -4.79
CA PHE A 103 -12.89 -2.39 -5.36
C PHE A 103 -13.42 -3.40 -4.37
N ASN A 104 -12.51 -4.01 -3.61
CA ASN A 104 -12.87 -5.03 -2.60
C ASN A 104 -11.60 -5.27 -1.82
N SER A 105 -11.63 -6.24 -0.90
CA SER A 105 -10.48 -6.44 -0.05
CA SER A 105 -10.48 -6.48 -0.04
C SER A 105 -9.26 -6.94 -0.80
N SER A 106 -9.42 -7.40 -2.06
CA SER A 106 -8.28 -7.92 -2.80
CA SER A 106 -8.29 -7.93 -2.81
C SER A 106 -7.91 -7.14 -4.06
N SER A 107 -8.44 -5.91 -4.23
CA SER A 107 -8.23 -5.20 -5.49
C SER A 107 -8.30 -3.70 -5.23
N VAL A 108 -7.25 -3.00 -5.65
CA VAL A 108 -7.21 -1.54 -5.56
C VAL A 108 -6.66 -1.02 -6.87
N GLN A 109 -7.24 0.06 -7.37
CA GLN A 109 -6.87 0.58 -8.69
C GLN A 109 -6.56 2.08 -8.62
N CYS A 110 -5.34 2.45 -9.00
CA CYS A 110 -5.03 3.85 -9.22
C CYS A 110 -5.86 4.31 -10.40
N GLN A 111 -6.61 5.41 -10.22
CA GLN A 111 -7.55 5.83 -11.26
C GLN A 111 -6.83 6.50 -12.43
N ASN A 112 -7.57 6.69 -13.52
CA ASN A 112 -7.02 7.12 -14.80
C ASN A 112 -6.07 8.30 -14.66
N SER A 113 -4.85 8.14 -15.12
CA SER A 113 -3.85 9.20 -15.20
C SER A 113 -2.87 8.86 -16.32
N SER A 114 -2.15 9.87 -16.80
CA SER A 114 -1.04 9.65 -17.72
C SER A 114 0.26 9.92 -16.97
N TYR A 115 1.32 9.28 -17.43
CA TYR A 115 2.62 9.33 -16.77
C TYR A 115 3.70 9.64 -17.78
N GLN A 116 4.76 10.30 -17.31
CA GLN A 116 5.90 10.62 -18.16
C GLN A 116 7.19 10.46 -17.35
N TYR A 117 8.30 10.30 -18.08
CA TYR A 117 9.62 10.29 -17.44
C TYR A 117 10.67 10.77 -18.43
N ASP A 118 11.82 11.20 -17.90
CA ASP A 118 12.90 11.82 -18.68
CA ASP A 118 12.90 11.81 -18.69
C ASP A 118 13.94 10.76 -19.07
N GLY A 119 14.30 10.72 -20.35
CA GLY A 119 15.32 9.78 -20.77
C GLY A 119 15.00 9.03 -22.05
N MET A 120 15.60 9.44 -23.17
CA MET A 120 15.22 8.81 -24.43
C MET A 120 15.71 7.38 -24.53
N ASP A 121 16.77 7.04 -23.79
CA ASP A 121 17.38 5.72 -23.86
C ASP A 121 16.87 4.76 -22.80
N ILE A 122 16.02 5.21 -21.88
CA ILE A 122 15.37 4.31 -20.93
C ILE A 122 14.05 3.88 -21.54
N SER A 123 13.97 2.61 -21.96
CA SER A 123 12.72 2.15 -22.54
C SER A 123 11.72 1.67 -21.50
N ASN A 124 12.17 1.43 -20.28
CA ASN A 124 11.33 0.84 -19.25
C ASN A 124 11.91 1.35 -17.94
N LEU A 125 11.16 2.22 -17.25
CA LEU A 125 11.59 2.81 -16.01
C LEU A 125 10.85 2.17 -14.85
N ALA A 126 11.60 1.66 -13.89
CA ALA A 126 11.03 1.11 -12.67
C ALA A 126 10.79 2.22 -11.67
N VAL A 127 9.55 2.31 -11.20
CA VAL A 127 9.06 3.42 -10.37
C VAL A 127 8.65 2.86 -8.99
N ASP A 128 9.24 3.46 -7.94
CA ASP A 128 8.83 3.13 -6.56
C ASP A 128 7.45 3.73 -6.31
N PHE A 129 6.60 2.97 -5.63
CA PHE A 129 5.25 3.49 -5.35
C PHE A 129 4.71 2.85 -4.08
N ALA A 130 3.75 3.52 -3.50
CA ALA A 130 2.99 2.99 -2.38
C ALA A 130 1.50 3.12 -2.66
N VAL A 131 0.74 2.19 -2.15
CA VAL A 131 -0.70 2.35 -1.99
C VAL A 131 -0.93 2.81 -0.57
N VAL A 132 -1.66 3.92 -0.40
CA VAL A 132 -1.96 4.41 0.93
C VAL A 132 -3.45 4.63 1.05
N TRP A 133 -3.92 4.70 2.29
CA TRP A 133 -5.28 5.19 2.52
C TRP A 133 -5.24 6.09 3.73
N ASN A 134 -6.31 6.88 3.90
CA ASN A 134 -6.39 7.84 5.00
C ASN A 134 -5.16 8.72 5.06
N GLY A 135 -4.70 9.13 3.89
CA GLY A 135 -3.56 10.05 3.75
C GLY A 135 -2.19 9.39 3.82
N ASN A 136 -1.95 8.63 4.88
CA ASN A 136 -0.59 8.13 5.09
C ASN A 136 -0.56 6.74 5.73
N PHE A 137 -1.63 5.97 5.65
CA PHE A 137 -1.60 4.58 6.10
C PHE A 137 -1.11 3.72 4.93
N ILE A 138 0.12 3.21 5.00
CA ILE A 138 0.75 2.53 3.87
C ILE A 138 0.40 1.04 3.85
N ILE A 139 0.01 0.53 2.70
CA ILE A 139 -0.21 -0.92 2.52
C ILE A 139 1.14 -1.64 2.32
N ASP A 140 1.41 -2.65 3.14
CA ASP A 140 2.64 -3.45 2.99
C ASP A 140 2.81 -3.99 1.57
N ASN A 141 4.05 -3.93 1.10
CA ASN A 141 4.41 -4.40 -0.24
C ASN A 141 5.62 -5.33 -0.09
N PRO A 142 5.41 -6.50 0.49
CA PRO A 142 6.56 -7.37 0.84
C PRO A 142 7.30 -7.91 -0.36
N GLN A 143 6.71 -7.96 -1.56
CA GLN A 143 7.45 -8.41 -2.73
C GLN A 143 8.11 -7.25 -3.48
N ASP A 144 8.04 -6.04 -2.94
CA ASP A 144 8.83 -4.91 -3.49
C ASP A 144 8.37 -4.58 -4.91
N LEU A 145 7.08 -4.70 -5.14
CA LEU A 145 6.52 -4.40 -6.47
C LEU A 145 6.82 -2.99 -6.90
N LYS A 146 7.10 -2.81 -8.19
CA LYS A 146 7.33 -1.52 -8.83
C LYS A 146 6.33 -1.30 -9.96
N VAL A 147 6.07 -0.04 -10.27
CA VAL A 147 5.38 0.28 -11.53
C VAL A 147 6.41 0.46 -12.63
N HIS A 148 6.15 -0.08 -13.82
CA HIS A 148 7.08 0.08 -14.93
C HIS A 148 6.47 0.94 -16.00
N LEU A 149 6.99 2.15 -16.17
CA LEU A 149 6.54 3.03 -17.24
C LEU A 149 7.40 2.71 -18.46
N TYR A 150 6.80 2.73 -19.64
CA TYR A 150 7.63 2.37 -20.79
C TYR A 150 7.37 3.29 -21.96
N LYS A 151 8.40 3.41 -22.80
CA LYS A 151 8.42 4.24 -24.01
C LYS A 151 8.52 3.34 -25.23
C1 NAG B . -12.54 -7.34 -6.69
C2 NAG B . -13.21 -8.62 -7.19
C3 NAG B . -12.73 -8.95 -8.60
C4 NAG B . -12.92 -7.76 -9.54
C5 NAG B . -12.25 -6.51 -8.98
C6 NAG B . -12.47 -5.25 -9.81
C7 NAG B . -13.88 -10.21 -5.48
C8 NAG B . -13.51 -11.37 -4.58
N2 NAG B . -12.93 -9.74 -6.28
O3 NAG B . -13.45 -10.07 -9.08
O4 NAG B . -12.27 -8.06 -10.78
O5 NAG B . -12.76 -6.26 -7.65
O6 NAG B . -13.85 -4.85 -9.82
O7 NAG B . -14.98 -9.69 -5.44
C1 NAG C . -10.17 6.15 -18.64
C2 NAG C . -11.69 6.21 -18.87
C3 NAG C . -12.05 5.70 -20.28
C4 NAG C . -11.20 6.40 -21.34
C5 NAG C . -9.73 6.26 -21.00
C6 NAG C . -8.86 7.02 -21.96
C7 NAG C . -12.95 5.96 -16.80
C8 NAG C . -13.59 4.98 -15.86
N2 NAG C . -12.37 5.41 -17.87
O3 NAG C . -13.43 5.91 -20.56
O4 NAG C . -11.45 5.85 -22.63
O5 NAG C . -9.50 6.81 -19.70
O6 NAG C . -9.13 8.42 -21.87
O7 NAG C . -12.98 7.18 -16.62
C1 NAG D . 6.85 2.14 25.22
C2 NAG D . 5.93 3.36 25.16
C3 NAG D . 5.65 3.90 26.56
C4 NAG D . 5.12 2.80 27.48
C5 NAG D . 6.01 1.56 27.46
C6 NAG D . 5.36 0.39 28.15
C7 NAG D . 6.01 4.70 23.08
C8 NAG D . 6.69 5.85 22.37
N2 NAG D . 6.47 4.41 24.31
O3 NAG D . 4.65 4.92 26.47
O4 NAG D . 5.04 3.27 28.82
O5 NAG D . 6.26 1.13 26.11
O6 NAG D . 6.28 -0.65 28.39
O7 NAG D . 5.09 4.07 22.57
NA NA E . -3.75 0.19 8.31
NA NA F . 4.14 -7.15 -2.35
CL CL G . -8.13 -0.75 14.66
#